data_7MUB
#
_entry.id   7MUB
#
_cell.length_a   139.449
_cell.length_b   139.449
_cell.length_c   69.219
_cell.angle_alpha   90.000
_cell.angle_beta   90.000
_cell.angle_gamma   90.000
#
_symmetry.space_group_name_H-M   'I 4'
#
loop_
_entity.id
_entity.type
_entity.pdbx_description
1 polymer 'Fab heavy chain'
2 polymer 'Fab light chain'
3 polymer 'pH-gated potassium channel KcsA'
4 non-polymer 'POTASSIUM ION'
5 water water
#
loop_
_entity_poly.entity_id
_entity_poly.type
_entity_poly.pdbx_seq_one_letter_code
_entity_poly.pdbx_strand_id
1 'polypeptide(L)'
;EISEVQLVESGGGLVQPGGSLRLSCAASGYTFTSDWIHWVRQAPGKGLEWIGEIIPSYGRANYADSVKGRFTISADTSKN
TAYLQMNSLRAEDTAVYYCARERGDGYFDYWGQGTLVTVSSASTKGPSVFPLAPSSKSTSGGTAALGCLVKDYFPEPVTV
SWNSGALTSGVHTFPAVLQSSGLYSLSSVVTVPSSSLGTQTYICNVNHKPSNTKVDKKVEPKSCDKTHT
;
A
2 'polypeptide(L)'
;SDIQMTQSPSSLSASVGDRVTITCRASQSIGTDIHWYQQKPGKAPKLLIKYASESISGVPSRFSGSRSGTDFTLTISSLQ
PEDFATYYCQQSNRWPFTFGQGTKVEIKRTVAAPSVFIFPPSDSQLKSGTASVVCLLNNFYPREAKVQWKVDNALQSGNS
QESVTEQDSKDSTYSLSSTLTLSKADYEKHKVYACEVTHQGLSSPVTKSFNRGEC
;
B
3 'polypeptide(L)'
;WRCAGAATVLLVIVLLAGSYLAVLAERGAPGAQLITYPRALWWSVVTATTVGYGDLYPVTLWGRCVAVVVMVAGITSFGL
VTAALATWFVGQCQQQ
;
C
#
loop_
_chem_comp.id
_chem_comp.type
_chem_comp.name
_chem_comp.formula
K non-polymer 'POTASSIUM ION' 'K 1'
#
# COMPACT_ATOMS: atom_id res chain seq x y z
N VAL A 5 -10.68 10.22 -11.02
CA VAL A 5 -11.36 9.05 -10.34
C VAL A 5 -10.46 8.55 -9.20
N GLN A 6 -10.60 9.11 -8.00
CA GLN A 6 -9.70 8.76 -6.88
C GLN A 6 -10.56 8.40 -5.65
N LEU A 7 -9.94 7.78 -4.64
CA LEU A 7 -10.65 7.09 -3.54
C LEU A 7 -10.24 7.72 -2.23
N VAL A 8 -11.24 8.08 -1.42
CA VAL A 8 -11.09 8.96 -0.24
C VAL A 8 -11.58 8.19 0.98
N GLU A 9 -10.66 8.03 1.94
CA GLU A 9 -10.72 7.02 3.02
C GLU A 9 -10.69 7.67 4.40
N SER A 10 -11.84 7.67 5.09
CA SER A 10 -12.03 8.29 6.41
C SER A 10 -12.01 7.24 7.51
N GLY A 11 -11.80 7.70 8.73
CA GLY A 11 -11.93 6.89 9.96
C GLY A 11 -10.60 6.26 10.32
N GLY A 12 -10.54 5.60 11.46
CA GLY A 12 -9.43 4.72 11.82
C GLY A 12 -8.27 5.46 12.44
N GLY A 13 -7.81 4.96 13.60
CA GLY A 13 -6.65 5.52 14.34
C GLY A 13 -6.17 4.55 15.41
N LEU A 14 -6.72 4.60 16.64
CA LEU A 14 -6.42 3.67 17.78
C LEU A 14 -7.72 3.08 18.34
N VAL A 15 -7.64 1.79 18.68
CA VAL A 15 -8.73 1.01 19.33
C VAL A 15 -8.12 0.07 20.39
N GLN A 16 -8.96 -0.27 21.35
CA GLN A 16 -8.73 -1.27 22.42
C GLN A 16 -8.85 -2.67 21.83
N PRO A 17 -8.04 -3.66 22.27
CA PRO A 17 -8.24 -5.05 21.84
C PRO A 17 -9.71 -5.41 22.07
N GLY A 18 -10.38 -5.96 21.05
CA GLY A 18 -11.76 -6.45 21.14
C GLY A 18 -12.75 -5.34 20.80
N GLY A 19 -12.26 -4.11 20.64
CA GLY A 19 -13.05 -2.89 20.38
C GLY A 19 -13.49 -2.77 18.92
N SER A 20 -14.01 -1.60 18.53
CA SER A 20 -14.55 -1.35 17.17
C SER A 20 -14.02 -0.05 16.54
N LEU A 21 -14.35 0.11 15.26
CA LEU A 21 -13.80 1.14 14.35
C LEU A 21 -14.47 0.90 13.01
N ARG A 22 -14.73 1.96 12.26
CA ARG A 22 -15.40 1.86 10.94
C ARG A 22 -14.59 2.73 9.99
N LEU A 23 -14.17 2.13 8.88
CA LEU A 23 -13.35 2.81 7.85
C LEU A 23 -14.25 3.14 6.67
N SER A 24 -13.80 4.09 5.85
CA SER A 24 -14.66 4.80 4.89
C SER A 24 -13.91 5.00 3.57
N CYS A 25 -14.55 4.70 2.43
CA CYS A 25 -14.01 4.84 1.05
C CYS A 25 -15.07 5.54 0.19
N ALA A 26 -15.00 6.86 0.05
CA ALA A 26 -15.95 7.65 -0.76
C ALA A 26 -15.49 7.61 -2.22
N ALA A 27 -16.42 7.37 -3.17
CA ALA A 27 -16.14 7.28 -4.63
C ALA A 27 -15.25 8.34 -5.30
N SER A 28 -15.74 9.59 -5.37
CA SER A 28 -15.14 10.78 -6.06
C SER A 28 -14.56 10.48 -7.46
N GLY A 29 -15.39 9.94 -8.38
CA GLY A 29 -15.01 9.73 -9.79
C GLY A 29 -16.05 8.95 -10.58
N TYR A 30 -15.95 9.01 -11.92
CA TYR A 30 -16.83 8.33 -12.91
C TYR A 30 -16.69 6.92 -12.33
N THR A 31 -17.79 6.35 -11.84
CA THR A 31 -17.81 5.09 -11.06
C THR A 31 -18.99 4.34 -11.69
N PHE A 32 -18.70 3.18 -12.33
CA PHE A 32 -19.62 2.29 -13.10
C PHE A 32 -20.65 1.65 -12.11
N THR A 33 -21.67 0.98 -12.65
CA THR A 33 -22.73 0.25 -11.89
C THR A 33 -22.09 -0.87 -11.09
N SER A 34 -21.17 -1.59 -11.75
CA SER A 34 -20.79 -2.99 -11.50
C SER A 34 -19.32 -3.08 -11.11
N ASP A 35 -18.88 -2.24 -10.18
CA ASP A 35 -17.50 -2.23 -9.63
C ASP A 35 -17.55 -2.85 -8.23
N TRP A 36 -16.59 -3.74 -7.93
CA TRP A 36 -16.21 -4.14 -6.55
C TRP A 36 -15.20 -3.14 -5.99
N ILE A 37 -15.48 -2.68 -4.78
CA ILE A 37 -14.46 -2.09 -3.88
C ILE A 37 -13.92 -3.25 -3.05
N HIS A 38 -12.62 -3.20 -2.82
CA HIS A 38 -11.87 -4.20 -2.04
C HIS A 38 -11.17 -3.49 -0.89
N TRP A 39 -10.73 -4.31 0.04
CA TRP A 39 -10.02 -3.89 1.26
C TRP A 39 -8.75 -4.70 1.32
N VAL A 40 -7.62 -4.02 1.19
CA VAL A 40 -6.29 -4.66 1.40
C VAL A 40 -5.62 -4.00 2.60
N ARG A 41 -4.87 -4.81 3.31
CA ARG A 41 -4.20 -4.45 4.58
C ARG A 41 -2.66 -4.51 4.42
N GLN A 42 -1.90 -3.68 5.13
CA GLN A 42 -0.46 -3.94 5.25
C GLN A 42 -0.02 -3.76 6.70
N ALA A 43 0.34 -4.86 7.32
CA ALA A 43 0.98 -4.80 8.64
C ALA A 43 2.16 -3.87 8.47
N PRO A 44 2.73 -3.44 9.61
CA PRO A 44 4.09 -2.88 9.66
C PRO A 44 5.09 -3.80 8.95
N GLY A 45 5.95 -3.25 8.09
CA GLY A 45 7.01 -4.02 7.40
C GLY A 45 6.52 -5.36 6.92
N LYS A 46 5.36 -5.40 6.26
CA LYS A 46 4.75 -6.69 5.85
C LYS A 46 4.06 -6.52 4.50
N GLY A 47 3.72 -7.65 3.88
CA GLY A 47 3.08 -7.65 2.56
C GLY A 47 1.70 -7.02 2.61
N LEU A 48 1.08 -7.04 1.43
CA LEU A 48 -0.38 -6.86 1.23
C LEU A 48 -1.10 -8.16 1.54
N GLU A 49 -2.34 -8.02 1.96
CA GLU A 49 -3.23 -9.12 2.36
C GLU A 49 -4.62 -8.74 1.90
N TRP A 50 -5.18 -9.51 0.96
CA TRP A 50 -6.56 -9.28 0.54
C TRP A 50 -7.43 -9.72 1.70
N ILE A 51 -8.49 -8.94 1.97
CA ILE A 51 -9.37 -9.18 3.13
C ILE A 51 -10.82 -9.27 2.64
N GLY A 52 -11.32 -8.25 1.93
CA GLY A 52 -12.72 -8.25 1.49
C GLY A 52 -12.99 -7.46 0.23
N GLU A 53 -14.10 -7.82 -0.43
CA GLU A 53 -14.67 -7.23 -1.66
C GLU A 53 -16.16 -7.00 -1.39
N ILE A 54 -16.80 -6.15 -2.19
CA ILE A 54 -18.28 -5.94 -2.22
C ILE A 54 -18.67 -5.30 -3.55
N ILE A 55 -19.79 -5.75 -4.13
CA ILE A 55 -20.48 -5.02 -5.22
C ILE A 55 -21.53 -4.17 -4.53
N PRO A 56 -21.37 -2.83 -4.47
CA PRO A 56 -22.43 -1.97 -3.94
C PRO A 56 -23.82 -2.21 -4.56
N SER A 57 -23.90 -2.48 -5.87
CA SER A 57 -25.12 -2.94 -6.57
C SER A 57 -26.11 -3.94 -5.95
N TYR A 58 -25.65 -5.14 -5.54
CA TYR A 58 -26.49 -6.23 -4.99
C TYR A 58 -26.04 -6.34 -3.53
N GLY A 59 -25.02 -5.56 -3.14
CA GLY A 59 -24.52 -5.39 -1.76
C GLY A 59 -24.08 -6.71 -1.13
N ARG A 60 -23.33 -7.54 -1.87
CA ARG A 60 -22.85 -8.87 -1.42
C ARG A 60 -21.35 -8.78 -1.22
N ALA A 61 -20.89 -9.17 -0.02
CA ALA A 61 -19.59 -8.80 0.57
C ALA A 61 -18.84 -10.06 1.00
N ASN A 62 -17.68 -10.34 0.40
CA ASN A 62 -16.91 -11.60 0.62
C ASN A 62 -15.64 -11.25 1.40
N TYR A 63 -15.16 -12.17 2.26
CA TYR A 63 -14.21 -11.86 3.36
C TYR A 63 -13.16 -12.96 3.42
N ALA A 64 -12.00 -12.69 3.98
CA ALA A 64 -10.90 -13.67 4.11
C ALA A 64 -11.18 -14.54 5.33
N ASP A 65 -10.75 -15.81 5.33
CA ASP A 65 -10.67 -16.64 6.56
C ASP A 65 -9.99 -15.85 7.70
N SER A 66 -8.86 -15.20 7.40
CA SER A 66 -8.10 -14.31 8.33
C SER A 66 -9.09 -13.47 9.13
N VAL A 67 -10.03 -12.88 8.42
CA VAL A 67 -10.96 -11.86 8.94
C VAL A 67 -12.31 -12.50 9.22
N LYS A 68 -12.52 -13.73 8.72
CA LYS A 68 -13.79 -14.51 8.83
C LYS A 68 -15.02 -13.63 9.05
N GLY A 69 -15.88 -14.06 9.96
CA GLY A 69 -17.02 -13.21 10.35
C GLY A 69 -16.66 -12.37 11.57
N ARG A 70 -15.47 -11.78 11.60
CA ARG A 70 -15.13 -10.69 12.54
C ARG A 70 -15.57 -9.36 11.94
N PHE A 71 -15.32 -9.12 10.66
CA PHE A 71 -15.56 -7.83 9.96
C PHE A 71 -16.77 -7.94 9.03
N THR A 72 -17.36 -6.78 8.73
CA THR A 72 -18.47 -6.57 7.77
C THR A 72 -18.10 -5.46 6.77
N ILE A 73 -18.43 -5.66 5.49
CA ILE A 73 -18.25 -4.63 4.43
C ILE A 73 -19.63 -4.16 3.95
N SER A 74 -19.90 -2.85 4.06
CA SER A 74 -21.21 -2.15 3.79
C SER A 74 -21.12 -1.24 2.55
N ALA A 75 -22.21 -1.17 1.79
CA ALA A 75 -22.33 -0.44 0.50
C ALA A 75 -23.12 0.88 0.68
N THR A 77 -24.18 3.33 -1.86
CA THR A 77 -24.61 3.75 -3.22
C THR A 77 -25.11 5.20 -3.20
N SER A 78 -25.89 5.58 -2.18
CA SER A 78 -26.34 6.97 -1.91
C SER A 78 -25.10 7.88 -1.88
N LYS A 79 -24.20 7.67 -0.92
CA LYS A 79 -22.93 8.43 -0.77
C LYS A 79 -21.81 7.80 -1.60
N ASN A 80 -22.12 6.77 -2.40
CA ASN A 80 -21.18 6.14 -3.37
C ASN A 80 -19.96 5.65 -2.59
N THR A 81 -20.20 5.21 -1.37
CA THR A 81 -19.16 4.85 -0.38
C THR A 81 -19.35 3.37 0.00
N ALA A 82 -18.26 2.70 0.37
CA ALA A 82 -18.27 1.37 1.01
C ALA A 82 -17.48 1.49 2.31
N TYR A 83 -17.77 0.60 3.27
CA TYR A 83 -17.32 0.77 4.65
C TYR A 83 -16.79 -0.54 5.21
N LEU A 84 -15.91 -0.43 6.19
CA LEU A 84 -15.21 -1.58 6.77
C LEU A 84 -15.48 -1.61 8.27
N GLN A 85 -16.61 -2.22 8.63
CA GLN A 85 -16.99 -2.39 10.05
C GLN A 85 -15.98 -3.38 10.64
N MET A 86 -15.44 -3.07 11.82
CA MET A 86 -14.24 -3.76 12.36
C MET A 86 -14.45 -4.26 13.79
N ASN A 87 -15.18 -5.37 14.00
CA ASN A 87 -15.37 -5.97 15.34
C ASN A 87 -14.23 -6.92 15.72
N SER A 88 -14.15 -7.21 17.02
CA SER A 88 -13.38 -8.32 17.64
C SER A 88 -11.88 -8.16 17.32
N LEU A 89 -11.36 -6.94 17.35
CA LEU A 89 -9.98 -6.56 16.86
C LEU A 89 -8.86 -7.23 17.69
N ARG A 90 -7.89 -7.88 17.02
CA ARG A 90 -6.69 -8.53 17.62
C ARG A 90 -5.50 -7.56 17.39
N ALA A 91 -4.34 -7.82 18.02
CA ALA A 91 -3.11 -6.97 17.94
C ALA A 91 -2.58 -6.95 16.50
N GLU A 92 -2.83 -8.06 15.81
CA GLU A 92 -2.40 -8.43 14.43
C GLU A 92 -2.96 -7.40 13.44
N ASP A 93 -4.23 -7.04 13.60
CA ASP A 93 -5.00 -6.11 12.72
C ASP A 93 -4.38 -4.70 12.79
N THR A 94 -3.48 -4.43 13.76
CA THR A 94 -2.52 -3.29 13.69
C THR A 94 -2.00 -3.32 12.25
N ALA A 95 -2.31 -2.30 11.43
CA ALA A 95 -1.96 -2.23 9.99
C ALA A 95 -2.54 -0.99 9.33
N VAL A 96 -2.08 -0.69 8.12
CA VAL A 96 -2.71 0.27 7.16
C VAL A 96 -3.73 -0.47 6.32
N TYR A 97 -4.86 0.19 5.98
CA TYR A 97 -6.03 -0.41 5.28
C TYR A 97 -6.43 0.42 4.03
N TYR A 98 -5.87 0.05 2.86
CA TYR A 98 -6.21 0.62 1.53
C TYR A 98 -7.50 -0.08 1.07
N CYS A 99 -8.48 0.74 0.62
CA CYS A 99 -9.55 0.25 -0.28
C CYS A 99 -8.93 0.24 -1.69
N ALA A 100 -9.68 -0.25 -2.67
CA ALA A 100 -9.25 -0.28 -4.09
C ALA A 100 -10.43 -0.71 -4.97
N ARG A 101 -10.57 -0.05 -6.12
CA ARG A 101 -11.55 -0.43 -7.17
C ARG A 101 -10.93 -1.57 -7.96
N GLU A 102 -11.81 -2.43 -8.42
CA GLU A 102 -11.49 -3.55 -9.33
C GLU A 102 -12.75 -3.70 -10.17
N ARG A 103 -12.61 -3.64 -11.50
CA ARG A 103 -13.79 -3.55 -12.40
C ARG A 103 -14.32 -4.94 -12.82
N GLY A 104 -14.05 -6.02 -12.07
CA GLY A 104 -14.49 -7.41 -12.37
C GLY A 104 -13.50 -8.17 -13.23
N ASP A 105 -12.33 -7.54 -13.42
CA ASP A 105 -11.27 -7.88 -14.41
C ASP A 105 -10.14 -8.58 -13.62
N GLY A 106 -9.97 -8.16 -12.37
CA GLY A 106 -9.28 -8.93 -11.31
C GLY A 106 -7.96 -8.32 -10.91
N TYR A 107 -7.85 -6.99 -11.04
CA TYR A 107 -6.68 -6.19 -10.61
C TYR A 107 -7.15 -4.77 -10.23
N PHE A 108 -6.33 -4.09 -9.44
CA PHE A 108 -6.70 -2.90 -8.65
C PHE A 108 -6.15 -1.65 -9.35
N ASP A 109 -7.05 -0.99 -10.09
CA ASP A 109 -6.72 0.12 -11.05
C ASP A 109 -6.41 1.36 -10.19
N TYR A 110 -7.29 1.64 -9.22
CA TYR A 110 -7.17 2.75 -8.23
C TYR A 110 -7.26 2.20 -6.81
N TRP A 111 -6.74 3.03 -5.89
CA TRP A 111 -6.30 2.69 -4.52
C TRP A 111 -6.46 3.91 -3.60
N GLY A 112 -7.29 3.74 -2.57
CA GLY A 112 -7.41 4.78 -1.54
C GLY A 112 -6.08 5.06 -0.87
N GLN A 113 -5.94 6.26 -0.32
CA GLN A 113 -4.67 6.74 0.29
C GLN A 113 -4.24 5.71 1.36
N GLY A 114 -5.26 5.11 2.03
CA GLY A 114 -5.15 4.11 3.11
C GLY A 114 -4.93 4.78 4.45
N THR A 115 -5.52 4.26 5.54
CA THR A 115 -5.34 4.80 6.92
C THR A 115 -4.56 3.83 7.81
N LEU A 116 -4.16 4.29 9.00
CA LEU A 116 -3.60 3.41 10.07
C LEU A 116 -4.61 3.23 11.21
N VAL A 117 -4.98 1.94 11.40
CA VAL A 117 -5.65 1.30 12.56
C VAL A 117 -4.58 0.63 13.46
N THR A 118 -4.41 1.15 14.67
CA THR A 118 -3.42 0.62 15.67
C THR A 118 -4.23 -0.06 16.78
N VAL A 119 -3.72 -1.15 17.38
CA VAL A 119 -4.52 -2.00 18.32
C VAL A 119 -3.66 -2.40 19.53
N SER A 120 -3.88 -1.71 20.64
CA SER A 120 -3.04 -1.78 21.84
C SER A 120 -3.94 -1.43 23.00
N SER A 121 -3.64 -1.92 24.20
CA SER A 121 -4.38 -1.61 25.44
C SER A 121 -3.82 -0.31 26.03
N ALA A 122 -2.66 0.11 25.53
CA ALA A 122 -1.99 1.39 25.89
C ALA A 122 -2.83 2.58 25.40
N SER A 123 -2.67 3.71 26.09
CA SER A 123 -3.49 4.94 25.95
C SER A 123 -2.77 5.90 24.98
N THR A 124 -3.52 6.79 24.30
CA THR A 124 -3.07 7.93 23.44
C THR A 124 -2.09 8.80 24.23
N LYS A 125 -1.18 9.52 23.55
CA LYS A 125 -0.40 10.65 24.13
C LYS A 125 -0.30 11.79 23.11
N GLY A 126 0.26 12.93 23.56
CA GLY A 126 0.56 14.12 22.75
C GLY A 126 2.06 14.38 22.71
N PRO A 127 2.59 14.82 21.55
CA PRO A 127 4.03 14.95 21.37
C PRO A 127 4.62 16.18 22.08
N SER A 128 5.87 16.10 22.54
CA SER A 128 6.57 17.24 23.20
C SER A 128 6.92 18.28 22.14
N VAL A 129 7.61 17.88 21.06
CA VAL A 129 8.06 18.80 19.97
C VAL A 129 9.11 19.76 20.52
N PHE A 130 10.38 19.51 20.19
CA PHE A 130 11.49 20.30 20.75
C PHE A 130 12.41 20.72 19.62
N PRO A 131 12.62 22.03 19.40
CA PRO A 131 13.47 22.47 18.29
C PRO A 131 14.93 22.00 18.36
N LEU A 132 15.47 21.67 17.17
CA LEU A 132 16.91 21.45 16.85
C LEU A 132 17.35 22.58 15.91
N ALA A 133 18.06 23.59 16.41
CA ALA A 133 18.59 24.73 15.62
C ALA A 133 20.10 24.57 15.44
N PRO A 134 20.70 25.32 14.50
CA PRO A 134 22.13 25.19 14.18
C PRO A 134 23.06 26.18 14.91
N GLY A 141 29.48 29.04 6.45
CA GLY A 141 29.43 27.61 6.85
C GLY A 141 29.25 26.68 5.66
N GLY A 142 28.22 26.93 4.84
CA GLY A 142 27.82 26.15 3.64
C GLY A 142 26.30 26.01 3.55
N THR A 143 25.79 24.78 3.44
CA THR A 143 24.41 24.38 3.83
C THR A 143 24.45 24.00 5.31
N ALA A 144 23.51 24.54 6.10
CA ALA A 144 23.31 24.20 7.53
C ALA A 144 22.02 23.38 7.65
N ALA A 145 21.98 22.50 8.66
CA ALA A 145 20.84 21.61 9.00
C ALA A 145 20.14 22.16 10.24
N LEU A 146 18.80 22.21 10.23
CA LEU A 146 17.94 22.47 11.44
C LEU A 146 16.76 21.48 11.49
N GLY A 147 16.34 21.03 12.68
CA GLY A 147 15.26 20.02 12.82
C GLY A 147 14.33 20.25 13.99
N CYS A 148 13.52 19.25 14.33
CA CYS A 148 12.76 19.18 15.62
C CYS A 148 12.51 17.73 16.01
N LEU A 149 12.80 17.36 17.28
CA LEU A 149 12.29 16.14 17.99
C LEU A 149 10.77 16.22 17.99
N VAL A 150 10.05 15.11 17.96
CA VAL A 150 8.57 15.14 18.17
C VAL A 150 8.20 14.01 19.13
N LYS A 151 8.28 14.29 20.43
CA LYS A 151 8.70 13.27 21.42
C LYS A 151 7.53 12.68 22.15
N ASP A 152 7.75 11.46 22.63
CA ASP A 152 6.85 10.64 23.49
C ASP A 152 5.41 10.71 22.97
N TYR A 153 5.18 10.23 21.76
CA TYR A 153 3.82 10.16 21.18
C TYR A 153 3.30 8.72 21.30
N PHE A 154 1.98 8.57 21.14
CA PHE A 154 1.24 7.32 20.80
C PHE A 154 -0.15 7.68 20.24
N PRO A 155 -0.66 7.08 19.14
CA PRO A 155 0.03 6.02 18.39
C PRO A 155 1.13 6.56 17.46
N PRO A 157 1.93 7.41 13.68
CA PRO A 157 1.04 8.01 12.66
C PRO A 157 1.03 9.54 12.73
N VAL A 158 2.22 10.17 12.85
CA VAL A 158 2.48 11.65 13.12
C VAL A 158 2.79 12.40 11.83
N THR A 159 2.25 13.60 11.61
CA THR A 159 2.53 14.47 10.43
C THR A 159 3.57 15.54 10.81
N VAL A 160 4.39 15.99 9.84
CA VAL A 160 5.39 17.10 10.00
C VAL A 160 5.60 17.76 8.64
N SER A 161 5.19 19.02 8.49
CA SER A 161 5.56 19.88 7.33
C SER A 161 6.29 21.12 7.86
N TRP A 162 7.06 21.76 6.98
CA TRP A 162 7.84 22.98 7.28
C TRP A 162 7.23 24.16 6.52
N ASN A 163 6.89 25.21 7.25
CA ASN A 163 6.29 26.49 6.75
C ASN A 163 4.94 26.17 6.10
N SER A 164 4.08 25.43 6.81
CA SER A 164 2.73 25.03 6.35
C SER A 164 2.80 24.41 4.94
N GLY A 165 3.85 23.60 4.69
CA GLY A 165 3.98 22.74 3.50
C GLY A 165 4.84 23.34 2.42
N ALA A 166 5.29 24.60 2.57
CA ALA A 166 5.92 25.42 1.50
C ALA A 166 7.31 24.85 1.19
N LEU A 167 8.19 24.80 2.19
CA LEU A 167 9.53 24.18 2.09
C LEU A 167 9.37 22.65 2.17
N THR A 168 10.04 21.94 1.25
CA THR A 168 9.98 20.46 1.09
C THR A 168 11.35 19.87 0.74
N SER A 169 12.35 20.70 0.39
CA SER A 169 13.65 20.26 -0.20
C SER A 169 14.64 19.89 0.92
N GLY A 170 15.58 18.97 0.65
CA GLY A 170 16.67 18.51 1.54
C GLY A 170 16.15 18.07 2.91
N VAL A 171 14.83 17.86 2.99
CA VAL A 171 13.98 17.69 4.22
C VAL A 171 13.89 16.20 4.51
N HIS A 172 14.40 15.75 5.66
CA HIS A 172 14.47 14.32 6.08
C HIS A 172 13.65 14.09 7.38
N THR A 173 12.32 14.18 7.28
CA THR A 173 11.34 13.74 8.31
C THR A 173 11.46 12.21 8.45
N PHE A 174 12.14 11.75 9.50
CA PHE A 174 12.57 10.34 9.72
C PHE A 174 11.36 9.44 9.98
N PRO A 175 11.59 8.10 10.03
CA PRO A 175 10.59 7.19 10.58
C PRO A 175 10.36 7.36 12.09
N ALA A 176 9.19 6.92 12.57
CA ALA A 176 8.85 6.81 14.01
C ALA A 176 9.68 5.70 14.65
N VAL A 177 10.57 6.06 15.60
CA VAL A 177 11.24 5.12 16.53
C VAL A 177 10.37 4.88 17.77
N LEU A 178 10.25 3.61 18.17
CA LEU A 178 9.57 3.18 19.41
C LEU A 178 10.48 3.46 20.61
N GLN A 179 10.20 4.57 21.32
CA GLN A 179 10.93 5.00 22.55
C GLN A 179 11.00 3.83 23.56
N SER A 180 12.14 3.62 24.23
CA SER A 180 12.33 2.52 25.21
C SER A 180 11.22 2.56 26.27
N SER A 181 10.70 3.78 26.49
CA SER A 181 9.59 4.15 27.42
C SER A 181 8.25 3.65 26.88
N GLY A 182 8.12 3.54 25.54
CA GLY A 182 6.91 3.01 24.85
C GLY A 182 6.22 4.10 24.05
N LEU A 183 6.96 5.02 23.41
CA LEU A 183 6.39 6.27 22.83
C LEU A 183 7.11 6.81 21.58
N TYR A 184 6.34 7.07 20.55
CA TYR A 184 6.88 7.44 19.23
C TYR A 184 7.46 8.84 19.33
N SER A 185 8.74 8.86 19.74
CA SER A 185 9.71 9.95 19.50
C SER A 185 10.26 9.85 18.07
N LEU A 186 9.99 10.87 17.24
CA LEU A 186 10.54 11.10 15.87
C LEU A 186 11.66 12.13 15.95
N SER A 187 12.28 12.44 14.81
CA SER A 187 13.16 13.61 14.57
C SER A 187 13.07 14.07 13.10
N SER A 188 12.29 15.13 12.80
CA SER A 188 12.22 15.91 11.52
C SER A 188 13.54 16.65 11.32
N VAL A 189 13.94 16.88 10.06
CA VAL A 189 15.21 17.57 9.67
C VAL A 189 14.97 18.36 8.38
N VAL A 190 15.87 19.31 8.09
CA VAL A 190 15.83 20.24 6.91
C VAL A 190 17.28 20.67 6.63
N THR A 191 17.74 20.64 5.38
CA THR A 191 19.03 21.27 4.99
C THR A 191 18.71 22.61 4.31
N VAL A 192 19.46 23.67 4.66
CA VAL A 192 19.34 25.06 4.10
C VAL A 192 20.71 25.72 4.00
N PRO A 193 21.02 26.42 2.86
CA PRO A 193 22.11 27.40 2.81
C PRO A 193 22.13 28.46 3.94
N SER A 194 23.31 28.68 4.55
CA SER A 194 23.56 29.42 5.83
C SER A 194 23.02 30.86 5.78
N SER A 195 23.02 31.46 4.59
CA SER A 195 22.66 32.87 4.31
C SER A 195 21.30 33.26 4.91
N SER A 196 20.47 32.30 5.33
CA SER A 196 19.00 32.45 5.54
C SER A 196 18.61 32.78 6.98
N LEU A 197 19.52 33.19 7.88
CA LEU A 197 19.20 33.29 9.34
C LEU A 197 19.73 34.57 10.02
N THR A 199 17.05 35.68 8.91
CA THR A 199 16.46 36.19 7.64
C THR A 199 15.22 35.37 7.27
N GLN A 200 15.26 34.02 7.32
CA GLN A 200 14.18 33.10 6.85
C GLN A 200 13.40 32.46 8.01
N THR A 201 12.08 32.29 7.83
CA THR A 201 11.13 31.64 8.77
C THR A 201 11.24 30.12 8.62
N TYR A 202 11.40 29.40 9.74
CA TYR A 202 11.62 27.92 9.81
C TYR A 202 10.85 27.35 11.01
N ILE A 203 9.65 26.80 10.74
CA ILE A 203 8.62 26.44 11.76
C ILE A 203 7.94 25.10 11.38
N CYS A 204 8.18 24.06 12.19
CA CYS A 204 7.90 22.65 11.83
C CYS A 204 6.56 22.21 12.43
N ASN A 205 5.54 22.04 11.57
CA ASN A 205 4.09 21.92 11.92
C ASN A 205 3.70 20.46 12.11
N VAL A 206 3.49 20.06 13.36
CA VAL A 206 3.33 18.65 13.81
C VAL A 206 1.83 18.38 14.06
N ASN A 207 1.18 17.61 13.19
CA ASN A 207 -0.29 17.33 13.24
C ASN A 207 -0.53 15.92 13.78
N HIS A 208 -1.67 15.73 14.44
CA HIS A 208 -2.20 14.42 14.90
C HIS A 208 -3.70 14.44 14.79
N LYS A 209 -4.26 13.44 14.13
CA LYS A 209 -5.67 13.04 14.35
C LYS A 209 -5.76 12.59 15.80
N PRO A 210 -4.98 11.58 16.26
CA PRO A 210 -5.32 10.81 17.46
C PRO A 210 -5.11 11.50 18.82
N SER A 211 -4.61 12.75 18.83
CA SER A 211 -4.40 13.61 20.02
C SER A 211 -4.70 15.11 19.73
N ASN A 212 -5.41 15.44 18.63
CA ASN A 212 -5.89 16.82 18.28
C ASN A 212 -4.82 17.87 18.53
N THR A 213 -3.67 17.77 17.86
CA THR A 213 -2.45 18.59 18.07
C THR A 213 -2.32 19.53 16.85
N LYS A 214 -1.54 20.61 16.96
CA LYS A 214 -1.19 21.51 15.81
C LYS A 214 0.21 22.11 15.96
N VAL A 215 0.92 21.75 17.04
CA VAL A 215 2.22 22.36 17.44
C VAL A 215 3.09 22.87 16.29
N ASP A 216 3.50 24.13 16.39
CA ASP A 216 4.42 24.76 15.40
C ASP A 216 5.58 25.43 16.15
N LYS A 217 6.83 24.95 15.98
CA LYS A 217 8.02 25.42 16.75
C LYS A 217 9.00 26.19 15.84
N LYS A 218 9.55 27.31 16.36
CA LYS A 218 10.43 28.30 15.66
C LYS A 218 11.90 27.88 15.85
N VAL A 219 12.79 28.25 14.91
CA VAL A 219 14.21 27.80 14.94
C VAL A 219 15.17 28.97 14.60
N GLU A 220 15.40 29.86 15.59
CA GLU A 220 16.63 30.70 15.74
C GLU A 220 17.74 29.79 16.23
N PRO A 221 19.03 30.13 16.02
CA PRO A 221 20.12 29.42 16.69
C PRO A 221 20.20 29.71 18.20
N ASP B 2 -4.61 -22.78 -0.47
CA ASP B 2 -4.98 -21.61 -1.36
C ASP B 2 -3.84 -21.30 -2.35
N ILE B 3 -4.03 -20.37 -3.29
CA ILE B 3 -3.04 -20.12 -4.38
C ILE B 3 -1.88 -19.30 -3.81
N GLN B 4 -0.66 -19.81 -4.00
CA GLN B 4 0.56 -19.37 -3.30
C GLN B 4 1.59 -18.80 -4.31
N MET B 5 1.44 -17.52 -4.66
CA MET B 5 2.44 -16.68 -5.38
C MET B 5 3.74 -16.59 -4.56
N THR B 6 4.85 -17.06 -5.11
CA THR B 6 6.18 -17.10 -4.43
C THR B 6 7.15 -16.25 -5.24
N GLN B 7 7.24 -14.97 -4.89
CA GLN B 7 8.20 -14.02 -5.50
C GLN B 7 9.62 -14.39 -5.03
N SER B 8 10.61 -13.70 -5.54
CA SER B 8 11.99 -14.21 -5.68
C SER B 8 12.23 -12.77 -6.12
N PRO B 9 13.29 -12.15 -5.55
CA PRO B 9 14.04 -12.77 -4.46
C PRO B 9 13.32 -11.69 -3.64
N SER B 10 13.49 -11.67 -2.32
CA SER B 10 12.95 -10.63 -1.40
C SER B 10 13.66 -9.30 -1.65
N SER B 11 15.00 -9.31 -1.69
CA SER B 11 15.85 -8.10 -1.84
C SER B 11 16.72 -8.13 -3.12
N LEU B 12 16.89 -6.97 -3.78
CA LEU B 12 17.86 -6.72 -4.89
C LEU B 12 18.69 -5.47 -4.59
N SER B 13 20.01 -5.53 -4.76
CA SER B 13 20.96 -4.38 -4.72
C SER B 13 21.62 -4.16 -6.09
N ALA B 14 20.82 -3.98 -7.14
CA ALA B 14 21.27 -3.89 -8.55
C ALA B 14 21.62 -2.43 -8.89
N SER B 15 22.80 -2.21 -9.47
CA SER B 15 23.33 -0.91 -9.95
C SER B 15 22.40 -0.33 -11.04
N VAL B 16 22.32 1.01 -11.13
CA VAL B 16 21.36 1.74 -12.01
C VAL B 16 21.65 1.40 -13.48
N GLY B 17 20.59 1.34 -14.29
CA GLY B 17 20.70 1.13 -15.75
C GLY B 17 20.92 -0.33 -16.09
N ASP B 18 21.01 -1.18 -15.07
CA ASP B 18 21.27 -2.63 -15.19
C ASP B 18 19.95 -3.34 -15.47
N ARG B 19 20.06 -4.64 -15.78
CA ARG B 19 18.89 -5.47 -16.11
C ARG B 19 18.40 -6.09 -14.80
N VAL B 20 17.28 -5.61 -14.31
CA VAL B 20 16.67 -6.15 -13.06
C VAL B 20 15.53 -7.10 -13.43
N THR B 21 15.44 -8.27 -12.77
CA THR B 21 14.31 -9.23 -13.00
C THR B 21 13.81 -9.91 -11.73
N ILE B 22 12.50 -10.12 -11.70
CA ILE B 22 11.68 -10.37 -10.48
C ILE B 22 10.74 -11.50 -10.88
N THR B 23 10.79 -12.61 -10.15
CA THR B 23 10.16 -13.91 -10.52
C THR B 23 9.01 -14.11 -9.56
N CYS B 24 7.98 -14.83 -9.96
CA CYS B 24 6.80 -15.09 -9.11
C CYS B 24 6.19 -16.41 -9.52
N ARG B 25 6.44 -17.48 -8.76
CA ARG B 25 5.97 -18.85 -9.09
C ARG B 25 4.60 -19.05 -8.45
N ALA B 26 3.55 -19.23 -9.25
CA ALA B 26 2.22 -19.65 -8.77
C ALA B 26 2.23 -21.14 -8.40
N SER B 27 1.50 -21.55 -7.35
CA SER B 27 1.53 -22.93 -6.79
C SER B 27 0.92 -23.86 -7.84
N GLN B 28 -0.08 -23.35 -8.55
CA GLN B 28 -0.68 -24.10 -9.68
C GLN B 28 -0.69 -23.15 -10.89
N SER B 29 -0.91 -23.70 -12.09
CA SER B 29 -1.17 -22.88 -13.30
C SER B 29 -2.34 -21.94 -12.97
N ILE B 30 -2.21 -20.64 -13.22
CA ILE B 30 -3.25 -19.60 -12.92
C ILE B 30 -3.72 -18.88 -14.18
N GLY B 31 -3.32 -19.37 -15.35
CA GLY B 31 -3.53 -18.71 -16.66
C GLY B 31 -2.52 -17.62 -16.81
N THR B 32 -2.96 -16.49 -17.30
CA THR B 32 -2.12 -15.29 -17.40
C THR B 32 -2.61 -14.27 -16.35
N ASP B 33 -3.31 -14.78 -15.33
CA ASP B 33 -4.10 -13.99 -14.38
C ASP B 33 -3.24 -13.55 -13.22
N ILE B 34 -2.09 -12.96 -13.54
CA ILE B 34 -1.22 -12.30 -12.54
C ILE B 34 -0.91 -10.89 -13.00
N HIS B 35 -0.88 -9.96 -12.05
CA HIS B 35 -0.83 -8.49 -12.22
C HIS B 35 0.29 -8.04 -11.31
N TRP B 36 1.11 -7.11 -11.79
CA TRP B 36 2.25 -6.55 -11.03
C TRP B 36 1.89 -5.18 -10.46
N TYR B 37 2.62 -4.73 -9.44
CA TYR B 37 2.27 -3.58 -8.58
C TYR B 37 3.53 -3.00 -7.97
N GLN B 38 3.75 -1.72 -8.20
CA GLN B 38 4.83 -1.01 -7.48
C GLN B 38 4.18 -0.28 -6.31
N GLN B 39 4.88 -0.36 -5.19
CA GLN B 39 4.43 0.31 -3.98
C GLN B 39 5.64 0.97 -3.36
N LYS B 40 5.63 2.29 -3.46
CA LYS B 40 6.78 3.12 -2.98
C LYS B 40 6.60 3.21 -1.47
N PRO B 41 7.69 3.27 -0.67
CA PRO B 41 7.59 3.48 0.78
C PRO B 41 6.51 4.50 1.24
N GLY B 42 5.56 4.05 2.06
CA GLY B 42 4.49 4.88 2.66
C GLY B 42 3.27 5.06 1.77
N LYS B 43 3.45 4.91 0.44
CA LYS B 43 2.42 5.16 -0.60
C LYS B 43 1.62 3.89 -0.91
N ALA B 44 0.59 4.01 -1.75
CA ALA B 44 -0.33 2.92 -2.12
C ALA B 44 0.29 2.06 -3.22
N PRO B 45 -0.09 0.77 -3.32
CA PRO B 45 0.29 -0.05 -4.45
C PRO B 45 -0.13 0.76 -5.67
N LYS B 46 0.69 0.69 -6.72
CA LYS B 46 0.43 1.20 -8.10
C LYS B 46 0.62 0.05 -9.08
N LEU B 47 -0.32 -0.13 -10.00
CA LEU B 47 -0.38 -1.30 -10.92
C LEU B 47 0.53 -1.04 -12.13
N LEU B 48 1.54 -1.90 -12.34
CA LEU B 48 2.55 -1.80 -13.44
C LEU B 48 2.13 -2.65 -14.66
N ILE B 49 1.71 -3.89 -14.40
CA ILE B 49 1.34 -4.88 -15.46
C ILE B 49 -0.02 -5.49 -15.07
N LYS B 50 -0.85 -5.74 -16.06
CA LYS B 50 -1.99 -6.68 -15.96
C LYS B 50 -1.77 -7.86 -16.93
N TYR B 51 -2.33 -9.04 -16.66
CA TYR B 51 -2.16 -10.22 -17.54
C TYR B 51 -0.77 -10.29 -18.19
N ALA B 52 0.32 -10.00 -17.45
CA ALA B 52 1.69 -9.87 -18.02
C ALA B 52 1.74 -9.80 -19.57
N GLU B 54 0.53 -7.20 -20.53
CA GLU B 54 -0.26 -6.01 -20.98
C GLU B 54 0.12 -4.82 -20.08
N SER B 55 0.71 -3.75 -20.64
CA SER B 55 1.23 -2.58 -19.88
C SER B 55 0.09 -1.56 -19.69
N ILE B 56 0.21 -0.76 -18.62
CA ILE B 56 -0.79 0.26 -18.18
C ILE B 56 -0.32 1.63 -18.71
N SER B 57 -1.33 2.46 -19.02
CA SER B 57 -1.10 3.85 -19.45
C SER B 57 -0.33 4.64 -18.39
N GLY B 58 0.81 5.15 -18.78
CA GLY B 58 1.69 5.99 -17.94
C GLY B 58 2.84 5.19 -17.37
N VAL B 59 2.68 3.87 -17.26
CA VAL B 59 3.78 3.01 -16.78
C VAL B 59 4.91 3.12 -17.81
N PRO B 60 6.14 3.46 -17.38
CA PRO B 60 7.33 3.49 -18.25
C PRO B 60 7.63 2.26 -19.13
N SER B 61 8.47 2.44 -20.14
CA SER B 61 8.77 1.37 -21.13
C SER B 61 9.78 0.35 -20.56
N ARG B 62 10.50 0.73 -19.50
CA ARG B 62 11.50 -0.15 -18.84
C ARG B 62 10.74 -1.41 -18.37
N PHE B 63 9.42 -1.24 -18.22
CA PHE B 63 8.53 -2.16 -17.48
C PHE B 63 7.81 -3.09 -18.45
N SER B 64 8.06 -4.37 -18.24
CA SER B 64 7.56 -5.50 -19.07
C SER B 64 7.43 -6.73 -18.17
N GLY B 65 6.56 -7.65 -18.52
CA GLY B 65 6.25 -8.81 -17.67
C GLY B 65 5.77 -9.96 -18.49
N SER B 66 6.53 -11.07 -18.51
CA SER B 66 6.16 -12.18 -19.43
C SER B 66 6.35 -13.57 -18.81
N ARG B 67 6.47 -14.61 -19.66
CA ARG B 67 6.67 -16.02 -19.23
C ARG B 67 5.36 -16.64 -18.69
N SER B 68 5.26 -17.97 -18.74
CA SER B 68 4.01 -18.65 -18.29
C SER B 68 4.31 -19.91 -17.48
N GLY B 69 3.61 -21.02 -17.73
CA GLY B 69 3.73 -22.19 -16.83
C GLY B 69 3.31 -21.71 -15.47
N THR B 70 4.26 -21.53 -14.56
CA THR B 70 3.94 -20.97 -13.23
C THR B 70 4.93 -19.84 -12.97
N ASP B 71 5.76 -19.49 -13.94
CA ASP B 71 6.86 -18.51 -13.71
C ASP B 71 6.54 -17.21 -14.42
N PHE B 72 6.12 -16.21 -13.66
CA PHE B 72 5.87 -14.83 -14.13
C PHE B 72 7.08 -14.00 -13.70
N THR B 73 7.48 -13.06 -14.56
CA THR B 73 8.79 -12.39 -14.55
C THR B 73 8.58 -10.96 -14.96
N LEU B 74 8.50 -10.06 -13.97
CA LEU B 74 8.58 -8.59 -14.20
C LEU B 74 10.04 -8.17 -14.28
N THR B 75 10.36 -7.37 -15.30
CA THR B 75 11.74 -7.06 -15.73
C THR B 75 11.94 -5.56 -15.94
N ILE B 76 12.98 -5.04 -15.28
CA ILE B 76 13.38 -3.63 -15.43
C ILE B 76 14.61 -3.66 -16.36
N SER B 77 14.32 -3.39 -17.66
CA SER B 77 15.23 -2.84 -18.70
C SER B 77 15.72 -1.53 -18.13
N SER B 78 16.99 -1.47 -17.72
CA SER B 78 17.62 -0.27 -17.09
C SER B 78 17.32 0.45 -15.77
N LEU B 79 17.56 -0.24 -14.67
CA LEU B 79 17.04 0.13 -13.34
C LEU B 79 17.22 1.63 -13.18
N GLN B 80 16.20 2.33 -12.65
CA GLN B 80 16.26 3.80 -12.42
C GLN B 80 16.17 4.15 -10.94
N PRO B 81 16.84 5.27 -10.52
CA PRO B 81 16.70 5.85 -9.18
C PRO B 81 15.28 5.96 -8.59
N GLU B 82 14.27 6.18 -9.44
CA GLU B 82 12.84 6.35 -9.04
C GLU B 82 12.18 4.98 -8.84
N ASP B 83 12.97 3.91 -8.83
CA ASP B 83 12.49 2.50 -8.90
C ASP B 83 12.83 1.73 -7.63
N PHE B 84 13.56 2.35 -6.68
CA PHE B 84 13.64 1.91 -5.26
C PHE B 84 12.17 1.89 -4.87
N ALA B 85 11.63 0.68 -4.68
CA ALA B 85 10.27 0.37 -4.24
C ALA B 85 10.26 -1.10 -3.84
N THR B 86 9.12 -1.54 -3.34
CA THR B 86 8.75 -2.96 -3.20
C THR B 86 7.71 -3.27 -4.26
N TYR B 87 7.83 -4.45 -4.86
CA TYR B 87 7.12 -4.91 -6.09
C TYR B 87 6.30 -6.18 -5.81
N TYR B 88 5.01 -6.11 -6.08
CA TYR B 88 4.02 -7.13 -5.68
C TYR B 88 3.36 -7.76 -6.91
N CYS B 89 2.79 -8.91 -6.65
CA CYS B 89 2.43 -9.99 -7.59
C CYS B 89 0.99 -10.40 -7.25
N GLN B 90 0.07 -10.52 -8.18
CA GLN B 90 -1.32 -10.73 -7.71
C GLN B 90 -2.00 -11.68 -8.65
N GLN B 91 -2.46 -12.80 -8.12
CA GLN B 91 -3.30 -13.84 -8.76
C GLN B 91 -4.72 -13.28 -8.99
N SER B 92 -5.50 -13.87 -9.88
CA SER B 92 -6.91 -13.50 -10.16
C SER B 92 -7.69 -14.82 -10.44
N ASN B 93 -6.97 -15.85 -10.91
CA ASN B 93 -7.49 -17.08 -11.57
C ASN B 93 -8.53 -17.81 -10.70
N ARG B 94 -8.27 -17.96 -9.39
CA ARG B 94 -9.07 -18.75 -8.41
C ARG B 94 -9.59 -17.82 -7.30
N TRP B 95 -10.77 -18.00 -6.72
CA TRP B 95 -11.15 -17.20 -5.53
C TRP B 95 -10.50 -17.80 -4.28
N PRO B 96 -9.95 -16.95 -3.39
CA PRO B 96 -9.90 -15.52 -3.59
C PRO B 96 -8.56 -15.17 -4.23
N PHE B 97 -8.40 -13.86 -4.46
CA PHE B 97 -7.17 -13.16 -4.89
C PHE B 97 -6.12 -13.34 -3.78
N THR B 98 -4.86 -13.54 -4.16
CA THR B 98 -3.70 -13.66 -3.23
C THR B 98 -2.59 -12.72 -3.75
N PHE B 99 -1.68 -12.26 -2.89
CA PHE B 99 -0.48 -11.50 -3.33
C PHE B 99 0.73 -12.36 -3.09
N GLY B 100 1.80 -12.06 -3.81
CA GLY B 100 3.11 -12.62 -3.55
C GLY B 100 3.70 -11.97 -2.32
N GLN B 101 4.70 -12.65 -1.73
CA GLN B 101 5.51 -12.12 -0.59
C GLN B 101 5.85 -10.66 -0.84
N GLY B 102 6.41 -10.30 -2.01
CA GLY B 102 6.92 -8.94 -2.33
C GLY B 102 8.44 -8.90 -2.50
N THR B 103 8.93 -8.09 -3.43
CA THR B 103 10.39 -7.94 -3.68
C THR B 103 10.76 -6.47 -3.59
N LYS B 104 11.61 -6.17 -2.61
CA LYS B 104 12.23 -4.85 -2.42
C LYS B 104 13.37 -4.74 -3.43
N VAL B 105 13.41 -3.64 -4.17
CA VAL B 105 14.60 -3.20 -4.94
C VAL B 105 15.22 -2.04 -4.19
N GLU B 106 16.54 -2.13 -4.01
CA GLU B 106 17.48 -1.07 -3.59
C GLU B 106 18.43 -0.79 -4.76
N ILE B 107 18.74 0.49 -5.00
CA ILE B 107 19.64 1.03 -6.08
C ILE B 107 21.08 1.14 -5.55
N LYS B 108 22.06 0.60 -6.29
CA LYS B 108 23.52 0.68 -6.00
C LYS B 108 24.11 1.89 -6.72
N ARG B 109 25.02 2.61 -6.06
CA ARG B 109 25.64 3.85 -6.58
C ARG B 109 27.04 4.00 -5.99
N THR B 110 27.70 5.11 -6.33
CA THR B 110 29.11 5.40 -5.97
C THR B 110 29.18 5.75 -4.48
N VAL B 111 30.17 5.19 -3.77
CA VAL B 111 30.37 5.37 -2.30
C VAL B 111 30.42 6.88 -2.02
N ALA B 112 29.47 7.40 -1.23
CA ALA B 112 29.43 8.80 -0.76
C ALA B 112 30.00 8.86 0.66
N ALA B 113 29.71 9.95 1.37
CA ALA B 113 30.05 10.19 2.80
C ALA B 113 28.90 10.97 3.41
N PRO B 114 28.79 11.04 4.75
CA PRO B 114 27.77 11.87 5.38
C PRO B 114 28.21 13.32 5.68
N SER B 115 27.31 14.25 5.38
CA SER B 115 27.20 15.57 6.07
C SER B 115 26.68 15.29 7.49
N VAL B 116 27.42 15.67 8.55
CA VAL B 116 27.10 15.34 9.98
C VAL B 116 26.81 16.64 10.78
N PHE B 117 25.77 16.63 11.65
CA PHE B 117 25.18 17.86 12.30
C PHE B 117 24.65 17.61 13.73
N ILE B 118 25.55 17.34 14.68
CA ILE B 118 25.27 17.08 16.14
C ILE B 118 24.43 18.23 16.71
N PHE B 119 23.40 17.92 17.51
CA PHE B 119 22.39 18.89 18.03
C PHE B 119 22.21 18.76 19.54
N PRO B 120 22.60 19.76 20.34
CA PRO B 120 22.30 19.78 21.78
C PRO B 120 20.81 19.93 22.09
N PRO B 121 20.41 19.47 23.30
CA PRO B 121 19.00 19.40 23.67
C PRO B 121 18.36 20.76 23.95
N SER B 122 17.17 20.96 23.37
CA SER B 122 16.23 22.09 23.58
C SER B 122 16.19 22.46 25.07
N ASP B 123 16.57 23.69 25.43
CA ASP B 123 16.39 24.21 26.81
C ASP B 123 14.99 23.78 27.29
N SER B 124 13.94 24.02 26.50
CA SER B 124 12.53 23.70 26.84
C SER B 124 12.41 22.24 27.25
N GLN B 125 13.21 21.37 26.62
CA GLN B 125 13.26 19.89 26.83
C GLN B 125 14.13 19.57 28.04
N LEU B 126 15.26 20.28 28.22
CA LEU B 126 16.16 20.16 29.41
C LEU B 126 15.39 20.41 30.70
N LYS B 127 14.47 21.38 30.70
CA LYS B 127 13.63 21.68 31.88
C LYS B 127 12.82 20.41 32.15
N SER B 128 12.28 19.80 31.08
CA SER B 128 11.47 18.56 31.10
C SER B 128 12.09 17.51 32.06
N GLY B 129 13.42 17.35 32.12
CA GLY B 129 14.11 16.44 33.07
C GLY B 129 15.05 15.47 32.36
N THR B 130 14.78 15.22 31.07
CA THR B 130 15.58 14.38 30.14
C THR B 130 16.32 15.26 29.12
N ALA B 131 17.44 14.74 28.58
CA ALA B 131 18.42 15.46 27.73
C ALA B 131 18.67 14.66 26.45
N SER B 132 17.85 14.90 25.42
CA SER B 132 17.86 14.20 24.10
C SER B 132 18.85 14.92 23.16
N VAL B 133 20.04 14.31 22.98
CA VAL B 133 21.10 14.71 22.00
C VAL B 133 20.86 13.95 20.69
N VAL B 134 20.67 14.68 19.60
CA VAL B 134 20.53 14.14 18.21
C VAL B 134 21.90 14.26 17.48
N CYS B 135 22.05 13.56 16.37
CA CYS B 135 23.26 13.56 15.52
C CYS B 135 22.86 13.13 14.12
N LEU B 136 22.74 14.10 13.20
CA LEU B 136 22.30 13.92 11.80
C LEU B 136 23.48 13.39 10.97
N LEU B 137 23.19 12.54 9.97
CA LEU B 137 24.12 11.94 8.95
C LEU B 137 23.42 11.98 7.60
N ASN B 138 23.91 12.77 6.62
CA ASN B 138 23.10 13.11 5.43
C ASN B 138 23.61 12.52 4.12
N ASN B 139 22.65 12.01 3.34
CA ASN B 139 22.79 11.64 1.91
C ASN B 139 24.00 10.77 1.58
N PHE B 140 24.22 9.74 2.39
CA PHE B 140 25.32 8.75 2.31
C PHE B 140 24.94 7.53 1.46
N TYR B 141 25.94 6.79 0.97
CA TYR B 141 25.81 5.41 0.44
C TYR B 141 27.08 4.63 0.77
N PRO B 142 27.07 3.43 1.41
CA PRO B 142 25.88 2.57 1.59
C PRO B 142 24.92 2.84 2.77
N ARG B 143 24.15 1.85 3.22
CA ARG B 143 23.54 1.88 4.59
C ARG B 143 24.64 2.06 5.65
N GLU B 144 25.53 1.07 5.86
CA GLU B 144 26.45 1.10 7.04
C GLU B 144 27.44 2.24 6.81
N LYS B 146 28.61 3.49 11.11
CA LYS B 146 28.94 3.24 12.55
C LYS B 146 29.13 4.57 13.30
N VAL B 147 28.13 5.01 14.07
CA VAL B 147 28.18 6.27 14.89
C VAL B 147 28.05 5.90 16.38
N GLN B 148 29.12 6.13 17.15
CA GLN B 148 29.17 5.90 18.61
C GLN B 148 28.98 7.25 19.30
N TRP B 149 28.85 7.26 20.63
CA TRP B 149 29.00 8.50 21.44
C TRP B 149 30.02 8.28 22.56
N LYS B 150 30.64 9.39 22.96
CA LYS B 150 31.51 9.51 24.15
C LYS B 150 31.26 10.90 24.70
N VAL B 151 30.73 11.01 25.91
CA VAL B 151 30.78 12.26 26.70
C VAL B 151 32.10 12.20 27.46
N ASP B 152 32.82 13.32 27.54
CA ASP B 152 34.19 13.37 28.14
C ASP B 152 34.95 12.06 27.85
N ASN B 153 34.90 11.57 26.61
CA ASN B 153 35.80 10.49 26.09
C ASN B 153 35.76 9.26 27.00
N ALA B 154 34.56 8.81 27.38
CA ALA B 154 34.24 7.42 27.83
C ALA B 154 32.99 6.96 27.09
N LEU B 155 32.93 5.68 26.73
CA LEU B 155 32.15 5.20 25.56
C LEU B 155 30.68 4.97 25.94
N GLN B 156 29.74 5.61 25.21
CA GLN B 156 28.28 5.68 25.55
C GLN B 156 27.48 4.60 24.77
N SER B 157 27.11 3.51 25.48
CA SER B 157 26.15 2.45 25.06
C SER B 157 24.72 2.74 25.57
N GLY B 158 24.52 3.79 26.35
CA GLY B 158 23.21 4.12 26.96
C GLY B 158 22.38 4.97 26.02
N ASN B 159 21.13 4.56 25.79
CA ASN B 159 20.08 5.44 25.20
C ASN B 159 20.63 6.02 23.90
N SER B 160 21.24 5.16 23.09
CA SER B 160 21.58 5.37 21.66
C SER B 160 20.47 4.74 20.80
N GLN B 161 19.79 5.54 19.98
CA GLN B 161 18.57 5.19 19.19
C GLN B 161 18.74 5.72 17.75
N GLU B 162 19.39 4.90 16.90
CA GLU B 162 19.58 5.13 15.43
C GLU B 162 18.21 4.96 14.75
N SER B 163 17.81 5.88 13.85
CA SER B 163 16.79 5.70 12.78
C SER B 163 17.44 5.91 11.41
N VAL B 164 16.91 5.27 10.36
CA VAL B 164 17.42 5.44 8.96
C VAL B 164 16.23 5.68 8.05
N THR B 165 16.45 6.37 6.93
CA THR B 165 15.37 6.88 6.05
C THR B 165 15.15 5.96 4.85
N GLU B 166 14.07 6.25 4.13
CA GLU B 166 13.78 5.66 2.81
C GLU B 166 14.64 6.38 1.79
N GLN B 167 15.48 5.57 1.13
CA GLN B 167 16.39 6.04 0.05
C GLN B 167 15.73 7.06 -0.86
N ASP B 168 16.50 8.10 -1.18
CA ASP B 168 15.95 9.17 -2.05
C ASP B 168 15.53 8.61 -3.40
N SER B 169 14.43 9.15 -3.93
CA SER B 169 13.84 8.76 -5.23
C SER B 169 14.51 9.53 -6.38
N LYS B 170 15.69 10.10 -6.13
CA LYS B 170 16.62 10.64 -7.17
C LYS B 170 18.05 10.26 -6.80
N ASP B 171 18.50 10.54 -5.58
CA ASP B 171 19.91 10.29 -5.16
C ASP B 171 20.14 8.81 -4.94
N SER B 172 19.11 8.09 -4.46
CA SER B 172 19.23 6.72 -3.88
C SER B 172 20.27 6.76 -2.75
N THR B 173 20.17 7.81 -1.93
CA THR B 173 21.07 8.15 -0.79
C THR B 173 20.38 7.86 0.54
N TYR B 174 21.16 7.83 1.63
CA TYR B 174 20.70 7.41 2.97
C TYR B 174 21.12 8.43 4.03
N SER B 175 20.10 8.92 4.74
CA SER B 175 20.25 9.76 5.95
C SER B 175 19.89 8.95 7.20
N LEU B 176 20.50 9.32 8.33
CA LEU B 176 20.40 8.63 9.64
C LEU B 176 20.23 9.68 10.74
N SER B 177 19.51 9.36 11.81
CA SER B 177 19.44 10.18 13.05
C SER B 177 19.60 9.26 14.26
N SER B 178 20.85 9.13 14.75
CA SER B 178 21.21 8.60 16.10
C SER B 178 20.77 9.62 17.16
N THR B 179 19.91 9.20 18.09
CA THR B 179 19.53 10.00 19.27
C THR B 179 20.32 9.45 20.47
N LEU B 180 20.70 10.32 21.39
CA LEU B 180 21.21 9.91 22.71
C LEU B 180 20.35 10.59 23.77
N THR B 181 19.53 9.81 24.47
CA THR B 181 18.64 10.32 25.55
C THR B 181 19.37 10.18 26.90
N LEU B 182 19.26 11.24 27.74
CA LEU B 182 19.98 11.39 29.03
C LEU B 182 19.07 12.01 30.10
N SER B 183 19.29 11.66 31.37
CA SER B 183 18.80 12.41 32.56
C SER B 183 19.46 13.77 32.50
N LYS B 184 18.68 14.86 32.51
CA LYS B 184 19.22 16.25 32.48
C LYS B 184 20.38 16.37 33.50
N ALA B 185 20.23 15.74 34.67
CA ALA B 185 21.16 15.76 35.82
C ALA B 185 22.41 14.91 35.59
N ASP B 186 22.38 14.04 34.57
CA ASP B 186 23.55 13.27 34.07
C ASP B 186 24.16 14.07 32.91
N TYR B 187 23.34 14.87 32.24
CA TYR B 187 23.74 15.77 31.13
C TYR B 187 24.33 17.06 31.70
N GLU B 188 24.02 17.37 32.97
CA GLU B 188 24.52 18.57 33.70
C GLU B 188 25.89 18.25 34.31
N LYS B 189 26.11 17.02 34.79
CA LYS B 189 27.40 16.45 35.33
C LYS B 189 28.57 16.71 34.36
N HIS B 190 28.38 16.48 33.06
CA HIS B 190 29.40 16.70 32.01
C HIS B 190 28.73 17.05 30.67
N LYS B 191 29.23 18.11 30.02
CA LYS B 191 28.83 18.51 28.64
C LYS B 191 30.08 18.98 27.86
N VAL B 192 30.55 18.03 27.03
CA VAL B 192 31.59 18.15 25.96
C VAL B 192 30.95 16.95 25.23
N TYR B 193 31.02 16.80 23.90
CA TYR B 193 30.22 15.82 23.11
C TYR B 193 31.25 15.00 22.31
N CYS B 195 29.85 12.15 18.98
CA CYS B 195 29.24 11.44 17.82
C CYS B 195 30.25 11.12 16.71
N GLU B 196 31.44 10.59 17.03
CA GLU B 196 32.52 10.36 16.01
C GLU B 196 32.12 9.13 15.18
N VAL B 197 31.65 9.41 13.95
CA VAL B 197 31.06 8.47 12.94
C VAL B 197 32.18 7.63 12.30
N THR B 198 31.82 6.47 11.74
CA THR B 198 32.72 5.52 11.02
C THR B 198 31.89 4.63 10.07
N CYS C 3 -37.37 -8.47 -34.77
CA CYS C 3 -37.60 -9.95 -34.76
C CYS C 3 -36.28 -10.72 -34.50
N ALA C 4 -35.30 -10.64 -35.42
CA ALA C 4 -33.99 -11.35 -35.33
C ALA C 4 -33.01 -10.54 -34.46
N GLY C 5 -32.96 -9.22 -34.66
CA GLY C 5 -32.23 -8.28 -33.78
C GLY C 5 -32.74 -8.38 -32.35
N ALA C 6 -34.02 -8.71 -32.19
CA ALA C 6 -34.67 -9.08 -30.90
C ALA C 6 -34.01 -10.33 -30.32
N ALA C 7 -33.99 -11.42 -31.08
CA ALA C 7 -33.27 -12.68 -30.74
C ALA C 7 -31.81 -12.43 -30.32
N THR C 8 -30.98 -11.87 -31.22
CA THR C 8 -29.58 -11.44 -30.95
C THR C 8 -29.58 -10.71 -29.60
N VAL C 9 -30.31 -9.60 -29.51
CA VAL C 9 -30.28 -8.72 -28.31
C VAL C 9 -30.58 -9.59 -27.10
N LEU C 10 -31.79 -10.15 -27.05
CA LEU C 10 -32.26 -10.95 -25.91
C LEU C 10 -31.09 -11.81 -25.45
N LEU C 11 -30.53 -12.53 -26.42
CA LEU C 11 -29.37 -13.43 -26.20
C LEU C 11 -28.25 -12.62 -25.52
N VAL C 12 -27.70 -11.62 -26.23
CA VAL C 12 -26.65 -10.71 -25.69
C VAL C 12 -27.03 -10.26 -24.27
N ILE C 13 -28.31 -10.05 -23.98
CA ILE C 13 -28.77 -9.68 -22.61
C ILE C 13 -28.47 -10.88 -21.71
N VAL C 14 -29.09 -12.03 -22.00
CA VAL C 14 -28.86 -13.34 -21.34
C VAL C 14 -27.39 -13.65 -21.01
N LEU C 15 -26.51 -13.37 -21.97
CA LEU C 15 -25.04 -13.61 -21.86
C LEU C 15 -24.49 -12.65 -20.80
N LEU C 16 -24.82 -11.37 -20.93
CA LEU C 16 -24.32 -10.29 -20.03
C LEU C 16 -24.97 -10.47 -18.65
N ALA C 17 -26.23 -10.94 -18.64
CA ALA C 17 -27.00 -11.22 -17.40
C ALA C 17 -26.27 -12.33 -16.64
N GLY C 18 -26.18 -13.52 -17.24
CA GLY C 18 -25.45 -14.69 -16.67
C GLY C 18 -24.03 -14.31 -16.24
N SER C 19 -23.18 -13.95 -17.19
CA SER C 19 -21.83 -13.45 -16.87
C SER C 19 -21.80 -12.57 -15.61
N TYR C 20 -22.74 -11.66 -15.45
CA TYR C 20 -22.75 -10.70 -14.29
C TYR C 20 -23.00 -11.58 -13.06
N LEU C 21 -24.08 -12.34 -13.14
CA LEU C 21 -24.69 -13.07 -12.00
C LEU C 21 -23.76 -14.18 -11.51
N ALA C 22 -23.35 -15.10 -12.40
CA ALA C 22 -22.25 -16.06 -12.16
C ALA C 22 -21.00 -15.50 -11.43
N VAL C 23 -20.44 -14.34 -11.81
CA VAL C 23 -19.18 -13.90 -11.14
C VAL C 23 -19.63 -13.50 -9.73
N LEU C 24 -20.80 -12.87 -9.68
CA LEU C 24 -21.48 -12.47 -8.42
C LEU C 24 -21.72 -13.73 -7.57
N ALA C 25 -22.26 -14.76 -8.22
CA ALA C 25 -22.75 -16.02 -7.61
C ALA C 25 -21.58 -16.89 -7.15
N GLU C 26 -20.38 -16.63 -7.70
CA GLU C 26 -19.22 -17.55 -7.65
C GLU C 26 -18.12 -16.98 -6.75
N ARG C 27 -17.89 -15.67 -6.76
CA ARG C 27 -16.88 -15.13 -5.82
C ARG C 27 -17.31 -15.53 -4.42
N GLY C 28 -16.34 -15.71 -3.51
CA GLY C 28 -16.56 -16.07 -2.10
C GLY C 28 -16.12 -17.51 -1.84
N ALA C 29 -16.44 -18.40 -2.79
CA ALA C 29 -16.07 -19.84 -2.79
C ALA C 29 -14.58 -20.06 -3.02
N PRO C 30 -13.76 -20.55 -2.07
CA PRO C 30 -12.37 -20.86 -2.38
C PRO C 30 -12.25 -21.73 -3.63
N GLY C 31 -11.23 -21.41 -4.43
CA GLY C 31 -10.94 -22.07 -5.70
C GLY C 31 -11.96 -21.83 -6.80
N ALA C 32 -12.92 -20.92 -6.67
CA ALA C 32 -13.87 -20.67 -7.78
C ALA C 32 -13.06 -20.17 -8.96
N GLN C 33 -13.35 -20.66 -10.15
CA GLN C 33 -12.65 -20.24 -11.39
C GLN C 33 -13.43 -19.08 -11.99
N LEU C 34 -14.77 -19.09 -11.81
CA LEU C 34 -15.71 -18.32 -12.66
C LEU C 34 -16.07 -16.98 -11.98
N ILE C 35 -15.04 -16.13 -11.79
CA ILE C 35 -15.04 -14.96 -10.86
C ILE C 35 -14.49 -13.69 -11.55
N THR C 36 -14.60 -13.59 -12.88
CA THR C 36 -14.33 -12.33 -13.63
C THR C 36 -15.18 -12.33 -14.89
N TYR C 37 -15.94 -11.25 -15.06
CA TYR C 37 -16.98 -11.10 -16.11
C TYR C 37 -16.38 -11.52 -17.43
N PRO C 38 -15.22 -10.93 -17.78
CA PRO C 38 -14.46 -11.34 -18.96
C PRO C 38 -14.43 -12.85 -19.13
N ARG C 39 -14.02 -13.60 -18.11
CA ARG C 39 -13.96 -15.08 -18.23
C ARG C 39 -15.39 -15.62 -18.02
N ALA C 40 -16.20 -15.00 -17.16
CA ALA C 40 -17.65 -15.32 -17.03
C ALA C 40 -18.41 -15.18 -18.35
N LEU C 41 -17.91 -14.38 -19.30
CA LEU C 41 -18.56 -14.15 -20.61
C LEU C 41 -18.30 -15.36 -21.53
N TRP C 42 -17.03 -15.77 -21.60
CA TRP C 42 -16.65 -16.94 -22.42
C TRP C 42 -17.40 -18.14 -21.90
N TRP C 43 -17.44 -18.24 -20.58
CA TRP C 43 -18.32 -19.25 -19.97
C TRP C 43 -19.71 -19.11 -20.60
N SER C 44 -20.31 -17.93 -20.47
CA SER C 44 -21.75 -17.71 -20.75
C SER C 44 -22.07 -18.03 -22.22
N VAL C 45 -21.18 -17.67 -23.16
CA VAL C 45 -21.32 -18.09 -24.60
C VAL C 45 -21.39 -19.62 -24.62
N VAL C 46 -20.30 -20.23 -24.16
CA VAL C 46 -19.92 -21.64 -24.46
C VAL C 46 -21.03 -22.55 -23.93
N THR C 47 -21.85 -21.99 -23.04
CA THR C 47 -23.04 -22.66 -22.50
C THR C 47 -24.20 -22.57 -23.48
N ALA C 48 -24.63 -21.34 -23.79
CA ALA C 48 -25.79 -21.04 -24.65
C ALA C 48 -25.70 -21.85 -25.95
N THR C 49 -24.50 -21.92 -26.54
CA THR C 49 -24.21 -22.74 -27.76
C THR C 49 -24.30 -24.25 -27.48
N THR C 50 -24.38 -24.65 -26.21
CA THR C 50 -24.31 -26.07 -25.82
C THR C 50 -22.99 -26.60 -26.39
N VAL C 51 -21.91 -25.85 -26.26
CA VAL C 51 -20.59 -26.43 -26.61
C VAL C 51 -20.14 -27.27 -25.41
N GLY C 52 -19.75 -26.66 -24.28
CA GLY C 52 -19.43 -27.39 -23.03
C GLY C 52 -17.98 -27.84 -22.91
N TYR C 53 -17.05 -27.08 -23.48
CA TYR C 53 -15.59 -27.30 -23.39
C TYR C 53 -15.19 -27.75 -21.99
N GLY C 54 -15.58 -27.02 -20.93
CA GLY C 54 -15.34 -27.45 -19.54
C GLY C 54 -14.22 -26.69 -18.83
N ASP C 55 -13.47 -25.82 -19.51
CA ASP C 55 -12.40 -24.98 -18.90
C ASP C 55 -12.94 -24.25 -17.68
N LEU C 56 -14.21 -23.93 -17.74
CA LEU C 56 -14.90 -23.05 -16.78
C LEU C 56 -16.23 -23.66 -16.46
N TYR C 57 -16.64 -23.37 -15.23
CA TYR C 57 -17.98 -23.73 -14.77
C TYR C 57 -18.08 -23.34 -13.31
N PRO C 58 -19.35 -23.31 -12.85
CA PRO C 58 -19.68 -23.00 -11.47
C PRO C 58 -19.63 -24.22 -10.55
N VAL C 59 -19.17 -23.97 -9.33
CA VAL C 59 -18.93 -24.97 -8.26
C VAL C 59 -20.05 -24.80 -7.22
N THR C 60 -20.46 -23.55 -6.99
CA THR C 60 -21.59 -23.12 -6.12
C THR C 60 -22.91 -23.56 -6.73
N LEU C 61 -23.87 -23.85 -5.87
CA LEU C 61 -25.31 -23.98 -6.18
C LEU C 61 -25.90 -22.78 -6.97
N TRP C 62 -25.93 -21.61 -6.32
CA TRP C 62 -26.48 -20.37 -6.89
C TRP C 62 -25.88 -20.19 -8.28
N GLY C 63 -24.57 -20.42 -8.37
CA GLY C 63 -23.85 -20.44 -9.66
C GLY C 63 -24.58 -21.27 -10.71
N ARG C 64 -24.85 -22.54 -10.40
CA ARG C 64 -25.44 -23.51 -11.37
C ARG C 64 -26.89 -23.11 -11.62
N CYS C 65 -27.62 -22.66 -10.60
CA CYS C 65 -28.94 -22.03 -10.81
C CYS C 65 -28.80 -20.96 -11.91
N VAL C 66 -27.89 -19.99 -11.77
CA VAL C 66 -27.59 -18.99 -12.84
C VAL C 66 -27.44 -19.73 -14.16
N ALA C 67 -26.54 -20.71 -14.15
CA ALA C 67 -26.17 -21.55 -15.31
C ALA C 67 -27.47 -22.00 -16.00
N VAL C 68 -28.29 -22.80 -15.31
CA VAL C 68 -29.61 -23.32 -15.79
C VAL C 68 -30.42 -22.28 -16.58
N VAL C 69 -30.60 -21.11 -15.98
CA VAL C 69 -31.30 -19.96 -16.60
C VAL C 69 -30.54 -19.69 -17.91
N VAL C 70 -29.23 -19.51 -17.79
CA VAL C 70 -28.34 -19.14 -18.92
C VAL C 70 -28.54 -20.15 -20.05
N MET C 71 -28.65 -21.44 -19.73
CA MET C 71 -28.93 -22.52 -20.70
C MET C 71 -30.33 -22.34 -21.29
N VAL C 72 -31.33 -22.52 -20.43
CA VAL C 72 -32.77 -22.28 -20.68
C VAL C 72 -33.27 -21.07 -21.46
N ALA C 73 -32.65 -19.93 -21.25
CA ALA C 73 -32.98 -18.70 -22.00
C ALA C 73 -31.92 -18.54 -23.09
N GLY C 74 -30.67 -18.87 -22.79
CA GLY C 74 -29.55 -18.70 -23.74
C GLY C 74 -29.61 -19.69 -24.88
N ILE C 75 -30.05 -20.92 -24.63
CA ILE C 75 -30.18 -21.94 -25.73
C ILE C 75 -31.24 -21.52 -26.75
N THR C 76 -32.49 -21.43 -26.28
CA THR C 76 -33.66 -20.88 -27.00
C THR C 76 -33.25 -19.66 -27.80
N SER C 77 -32.72 -18.62 -27.15
CA SER C 77 -32.41 -17.30 -27.75
C SER C 77 -31.27 -17.44 -28.77
N PHE C 78 -30.42 -18.45 -28.61
CA PHE C 78 -29.36 -18.77 -29.60
C PHE C 78 -29.97 -19.66 -30.68
N GLY C 79 -30.92 -20.50 -30.30
CA GLY C 79 -31.72 -21.28 -31.26
C GLY C 79 -32.50 -20.38 -32.20
N LEU C 80 -32.73 -19.12 -31.81
CA LEU C 80 -33.44 -18.12 -32.64
C LEU C 80 -32.49 -17.63 -33.74
N VAL C 81 -31.29 -17.16 -33.36
CA VAL C 81 -30.31 -16.55 -34.32
C VAL C 81 -29.76 -17.63 -35.28
N THR C 82 -29.89 -18.91 -34.88
CA THR C 82 -29.40 -20.12 -35.62
C THR C 82 -30.35 -20.55 -36.72
N ALA C 83 -31.67 -20.42 -36.48
CA ALA C 83 -32.73 -20.52 -37.50
C ALA C 83 -32.63 -19.30 -38.41
N ALA C 84 -32.59 -18.10 -37.80
CA ALA C 84 -32.52 -16.78 -38.47
C ALA C 84 -31.55 -16.81 -39.65
N LEU C 85 -30.30 -17.25 -39.43
CA LEU C 85 -29.24 -17.30 -40.48
C LEU C 85 -29.37 -18.57 -41.31
N ALA C 86 -30.19 -19.54 -40.87
CA ALA C 86 -30.50 -20.78 -41.63
C ALA C 86 -31.51 -20.43 -42.73
N THR C 87 -32.43 -19.52 -42.43
CA THR C 87 -33.46 -19.02 -43.38
C THR C 87 -32.76 -18.10 -44.40
N TRP C 88 -31.90 -17.21 -43.93
CA TRP C 88 -31.29 -16.18 -44.80
C TRP C 88 -30.36 -16.82 -45.84
N PHE C 89 -29.92 -18.07 -45.63
CA PHE C 89 -29.13 -18.88 -46.60
C PHE C 89 -30.07 -19.62 -47.55
N VAL C 90 -31.11 -20.23 -46.97
CA VAL C 90 -32.25 -20.85 -47.70
C VAL C 90 -33.01 -20.00 -48.72
N GLY C 91 -33.62 -18.89 -48.28
CA GLY C 91 -34.57 -18.04 -49.04
C GLY C 91 -33.83 -17.48 -50.25
N GLN C 92 -32.51 -17.22 -50.09
CA GLN C 92 -31.63 -16.61 -51.12
C GLN C 92 -31.28 -17.61 -52.23
N CYS C 93 -30.47 -18.62 -51.91
CA CYS C 93 -29.91 -19.61 -52.87
C CYS C 93 -31.06 -20.45 -53.48
K K D . -22.40 -30.06 -26.37
K K E . -15.91 -31.17 -21.86
#